data_6X2Q
#
_entry.id   6X2Q
#
_cell.length_a   83.756
_cell.length_b   83.756
_cell.length_c   117.31
_cell.angle_alpha   90.000
_cell.angle_beta   90.000
_cell.angle_gamma   120.000
#
_symmetry.space_group_name_H-M   'H 3'
#
loop_
_entity.id
_entity.type
_entity.pdbx_description
1 polymer Chitosanase
2 branched 2-amino-2-deoxy-beta-D-glucopyranose-(1-4)-2-amino-2-deoxy-beta-D-glucopyranose-(1-4)-2-amino-2-deoxy-beta-D-glucopyranose
3 non-polymer 2-amino-2-deoxy-beta-D-glucopyranose
4 water water
#
_entity_poly.entity_id   1
_entity_poly.type   'polypeptide(L)'
_entity_poly.pdbx_seq_one_letter_code
;AQLTAQQRLLADQIISIFANNTPELQYGYAEVLDDGRGITAGRAGFTSATGDMLEVIQRYSRLRPDNILVPFLPRLQQLA
ASEDGSIEGLQGLPQRWADASQNPVFRQVQDDVVDELYFQPAMERAAELGAQMPLTLLALYDAIIQHGEGDDGDGLPAMI
ARTTAKVNGIPAEGVDERRWLKTFLKIRKQVLRHPANLETEDEWSESTGRVDSLMKLLKQGNTDLHPPIRISTWGDVFIL
PIR
;
_entity_poly.pdbx_strand_id   A
#
# COMPACT_ATOMS: atom_id res chain seq x y z
N GLN A 2 -4.13 0.58 -17.85
CA GLN A 2 -3.36 -0.54 -17.23
C GLN A 2 -4.34 -1.51 -16.58
N LEU A 3 -5.23 -1.03 -15.72
CA LEU A 3 -6.20 -1.91 -15.09
C LEU A 3 -7.62 -1.49 -15.47
N THR A 4 -8.43 -2.50 -15.78
CA THR A 4 -9.88 -2.41 -15.97
C THR A 4 -10.55 -1.82 -14.71
N ALA A 5 -11.77 -1.32 -14.88
CA ALA A 5 -12.52 -0.81 -13.72
C ALA A 5 -12.82 -1.97 -12.77
N GLN A 6 -13.24 -3.12 -13.30
CA GLN A 6 -13.48 -4.31 -12.45
C GLN A 6 -12.14 -4.77 -11.85
N GLN A 7 -11.03 -4.66 -12.57
CA GLN A 7 -9.72 -5.11 -12.03
C GLN A 7 -9.22 -4.18 -10.92
N ARG A 8 -9.50 -2.88 -11.03
CA ARG A 8 -9.08 -1.90 -10.02
C ARG A 8 -9.95 -2.03 -8.77
N LEU A 9 -11.25 -2.22 -8.94
CA LEU A 9 -12.07 -2.38 -7.73
C LEU A 9 -11.60 -3.64 -7.02
N LEU A 10 -11.32 -4.67 -7.81
CA LEU A 10 -10.80 -5.94 -7.34
C LEU A 10 -9.47 -5.74 -6.59
N ALA A 11 -8.52 -5.04 -7.21
CA ALA A 11 -7.27 -4.72 -6.55
C ALA A 11 -7.50 -4.05 -5.20
N ASP A 12 -8.37 -3.04 -5.18
CA ASP A 12 -8.62 -2.29 -3.95
C ASP A 12 -9.23 -3.19 -2.88
N GLN A 13 -10.16 -4.07 -3.27
CA GLN A 13 -10.79 -4.92 -2.26
C GLN A 13 -9.82 -5.97 -1.74
N ILE A 14 -8.92 -6.45 -2.59
CA ILE A 14 -7.94 -7.45 -2.17
C ILE A 14 -6.94 -6.83 -1.19
N ILE A 15 -6.38 -5.67 -1.55
CA ILE A 15 -5.41 -5.00 -0.69
C ILE A 15 -6.05 -4.59 0.62
N SER A 16 -7.31 -4.16 0.54
CA SER A 16 -8.04 -3.86 1.76
C SER A 16 -8.12 -5.09 2.67
N ILE A 17 -8.42 -6.25 2.09
CA ILE A 17 -8.42 -7.50 2.87
C ILE A 17 -7.02 -7.79 3.38
N PHE A 18 -6.01 -7.63 2.54
CA PHE A 18 -4.64 -7.87 2.97
C PHE A 18 -4.32 -7.12 4.24
N ALA A 19 -4.75 -5.88 4.32
CA ALA A 19 -4.32 -4.99 5.39
C ALA A 19 -5.27 -4.96 6.58
N ASN A 20 -6.58 -5.12 6.34
CA ASN A 20 -7.58 -4.90 7.37
C ASN A 20 -8.61 -6.03 7.47
N ASN A 21 -8.44 -7.11 6.71
CA ASN A 21 -9.36 -8.25 6.70
C ASN A 21 -10.80 -7.86 6.34
N THR A 22 -10.97 -6.88 5.45
CA THR A 22 -12.31 -6.55 5.00
C THR A 22 -12.19 -5.91 3.62
N PRO A 23 -13.12 -6.19 2.70
CA PRO A 23 -13.04 -5.54 1.38
C PRO A 23 -13.47 -4.07 1.40
N GLU A 24 -14.01 -3.59 2.51
CA GLU A 24 -14.41 -2.17 2.63
C GLU A 24 -13.17 -1.31 2.90
N LEU A 25 -12.89 -0.35 2.04
CA LEU A 25 -11.77 0.55 2.26
C LEU A 25 -11.92 1.26 3.61
N GLN A 26 -10.85 1.30 4.39
CA GLN A 26 -10.91 1.84 5.75
C GLN A 26 -10.44 3.30 5.72
N TYR A 27 -11.31 4.17 5.22
CA TYR A 27 -10.99 5.60 5.18
C TYR A 27 -10.83 6.16 6.59
N GLY A 28 -11.66 5.70 7.53
CA GLY A 28 -11.69 6.22 8.89
C GLY A 28 -10.73 5.57 9.86
N TYR A 29 -9.90 4.64 9.39
CA TYR A 29 -8.97 3.93 10.26
C TYR A 29 -7.86 4.88 10.70
N ALA A 30 -7.48 4.79 11.97
CA ALA A 30 -6.38 5.58 12.51
C ALA A 30 -5.88 4.91 13.78
N GLU A 31 -4.62 4.47 13.77
CA GLU A 31 -4.08 3.71 14.90
C GLU A 31 -2.59 3.96 15.01
N VAL A 32 -2.08 3.75 16.23
CA VAL A 32 -0.66 3.64 16.50
C VAL A 32 -0.31 2.16 16.50
N LEU A 33 0.69 1.78 15.69
CA LEU A 33 1.00 0.37 15.48
C LEU A 33 2.32 -0.03 16.10
N ASP A 34 3.08 0.91 16.66
CA ASP A 34 4.37 0.61 17.27
C ASP A 34 5.31 0.02 16.23
N ASP A 35 5.34 0.66 15.06
CA ASP A 35 6.16 0.21 13.94
C ASP A 35 7.16 1.27 13.51
N GLY A 36 7.36 2.30 14.34
CA GLY A 36 8.22 3.41 14.00
C GLY A 36 7.59 4.47 13.13
N ARG A 37 6.30 4.36 12.79
CA ARG A 37 5.70 5.26 11.82
C ARG A 37 4.70 6.22 12.45
N GLY A 38 4.50 6.14 13.76
CA GLY A 38 3.55 7.03 14.43
C GLY A 38 2.14 6.55 14.26
N ILE A 39 1.26 7.45 13.83
CA ILE A 39 -0.12 7.12 13.54
C ILE A 39 -0.21 6.68 12.08
N THR A 40 -0.86 5.53 11.85
CA THR A 40 -1.16 5.00 10.53
C THR A 40 -2.64 5.17 10.28
N ALA A 41 -3.01 5.76 9.13
CA ALA A 41 -4.40 6.13 8.92
C ALA A 41 -4.80 5.99 7.46
N GLY A 42 -6.10 5.78 7.24
CA GLY A 42 -6.69 5.89 5.92
C GLY A 42 -6.70 4.60 5.14
N ARG A 43 -7.16 4.72 3.90
CA ARG A 43 -7.34 3.57 3.04
C ARG A 43 -6.02 2.97 2.58
N ALA A 44 -4.95 3.78 2.57
CA ALA A 44 -3.64 3.29 2.17
C ALA A 44 -2.63 3.31 3.31
N GLY A 45 -3.08 3.50 4.55
CA GLY A 45 -2.14 3.52 5.65
C GLY A 45 -1.20 4.71 5.58
N PHE A 46 -1.76 5.90 5.38
CA PHE A 46 -0.94 7.10 5.50
C PHE A 46 -0.40 7.18 6.93
N THR A 47 0.74 7.82 7.08
CA THR A 47 1.52 7.71 8.31
C THR A 47 2.11 9.04 8.75
N SER A 48 2.14 9.25 10.07
CA SER A 48 2.72 10.48 10.63
C SER A 48 4.18 10.62 10.25
N ALA A 49 4.96 9.55 10.40
CA ALA A 49 6.40 9.64 10.18
C ALA A 49 6.79 9.80 8.70
N THR A 50 5.96 9.36 7.75
CA THR A 50 6.43 9.24 6.37
C THR A 50 5.92 10.33 5.43
N GLY A 51 5.20 11.32 5.93
CA GLY A 51 4.79 12.48 5.13
C GLY A 51 3.52 12.34 4.31
N ASP A 52 2.92 11.15 4.23
CA ASP A 52 1.72 10.99 3.37
C ASP A 52 0.49 11.40 4.16
N MET A 53 0.52 11.28 5.48
CA MET A 53 -0.61 11.76 6.30
C MET A 53 -0.64 13.29 6.20
N LEU A 54 0.53 13.92 6.16
CA LEU A 54 0.66 15.38 6.05
C LEU A 54 0.08 15.85 4.71
N GLU A 55 0.43 15.18 3.61
CA GLU A 55 -0.07 15.61 2.33
C GLU A 55 -1.59 15.56 2.27
N VAL A 56 -2.20 14.52 2.84
CA VAL A 56 -3.65 14.42 2.83
C VAL A 56 -4.27 15.62 3.55
N ILE A 57 -3.79 15.91 4.76
CA ILE A 57 -4.38 16.98 5.54
C ILE A 57 -4.09 18.33 4.90
N GLN A 58 -2.87 18.51 4.35
CA GLN A 58 -2.58 19.76 3.67
C GLN A 58 -3.50 19.98 2.47
N ARG A 59 -3.64 18.96 1.62
CA ARG A 59 -4.52 19.14 0.47
C ARG A 59 -5.95 19.39 0.92
N TYR A 60 -6.39 18.70 1.96
CA TYR A 60 -7.74 18.90 2.45
C TYR A 60 -7.92 20.32 2.99
N SER A 61 -6.86 20.85 3.61
CA SER A 61 -6.95 22.16 4.23
C SER A 61 -6.96 23.27 3.19
N ARG A 62 -6.42 23.00 2.00
CA ARG A 62 -6.57 23.96 0.93
C ARG A 62 -8.00 23.97 0.39
N LEU A 63 -8.70 22.84 0.46
CA LEU A 63 -10.10 22.81 0.05
C LEU A 63 -11.02 23.34 1.13
N ARG A 64 -10.63 23.20 2.40
CA ARG A 64 -11.48 23.54 3.53
C ARG A 64 -10.63 24.08 4.67
N PRO A 65 -10.21 25.35 4.59
CA PRO A 65 -9.32 25.96 5.56
C PRO A 65 -9.66 25.79 7.04
N ASP A 66 -10.94 25.70 7.35
CA ASP A 66 -11.35 25.53 8.76
C ASP A 66 -11.80 24.09 8.95
N ASN A 67 -10.87 23.17 9.14
CA ASN A 67 -11.29 21.77 9.40
C ASN A 67 -10.71 21.34 10.75
N ILE A 68 -11.27 20.31 11.35
CA ILE A 68 -10.82 19.85 12.66
C ILE A 68 -9.39 19.30 12.68
N LEU A 69 -8.76 19.07 11.53
CA LEU A 69 -7.40 18.54 11.50
C LEU A 69 -6.33 19.61 11.37
N VAL A 70 -6.72 20.86 11.11
CA VAL A 70 -5.74 21.92 10.89
C VAL A 70 -4.79 22.10 12.08
N PRO A 71 -5.23 21.99 13.33
CA PRO A 71 -4.27 22.27 14.44
C PRO A 71 -3.06 21.34 14.45
N PHE A 72 -3.11 20.21 13.76
CA PHE A 72 -1.98 19.28 13.76
C PHE A 72 -0.96 19.59 12.68
N LEU A 73 -1.23 20.54 11.78
CA LEU A 73 -0.32 20.80 10.68
C LEU A 73 1.09 21.20 11.10
N PRO A 74 1.29 22.11 12.06
CA PRO A 74 2.67 22.34 12.54
C PRO A 74 3.37 21.09 13.02
N ARG A 75 2.71 20.30 13.88
CA ARG A 75 3.36 19.10 14.43
C ARG A 75 3.64 18.07 13.34
N LEU A 76 2.64 17.76 12.52
CA LEU A 76 2.84 16.86 11.37
C LEU A 76 3.98 17.36 10.48
N GLN A 77 4.04 18.67 10.25
CA GLN A 77 5.16 19.23 9.49
C GLN A 77 6.49 18.86 10.12
N GLN A 78 6.62 19.03 11.44
CA GLN A 78 7.87 18.69 12.12
C GLN A 78 8.15 17.19 12.00
N LEU A 79 7.13 16.36 12.23
CA LEU A 79 7.32 14.92 12.17
C LEU A 79 7.75 14.47 10.78
N ALA A 80 7.12 15.01 9.74
CA ALA A 80 7.47 14.58 8.40
C ALA A 80 8.89 15.01 8.05
N ALA A 81 9.32 16.18 8.53
CA ALA A 81 10.62 16.71 8.15
C ALA A 81 11.77 15.81 8.61
N SER A 82 11.58 15.11 9.73
CA SER A 82 12.63 14.25 10.26
C SER A 82 12.27 12.76 10.21
N GLU A 83 11.14 12.40 9.62
CA GLU A 83 10.66 11.01 9.59
C GLU A 83 10.55 10.45 11.00
N ASP A 84 9.96 11.24 11.90
CA ASP A 84 9.87 10.93 13.31
C ASP A 84 8.58 10.17 13.62
N GLY A 85 8.70 9.13 14.45
CA GLY A 85 7.60 8.28 14.84
C GLY A 85 6.92 8.64 16.13
N SER A 86 7.29 9.77 16.74
CA SER A 86 6.65 10.22 17.97
C SER A 86 5.21 10.63 17.72
N ILE A 87 4.31 10.22 18.63
CA ILE A 87 2.90 10.59 18.51
C ILE A 87 2.56 11.71 19.50
N GLU A 88 3.52 12.59 19.77
CA GLU A 88 3.30 13.81 20.52
C GLU A 88 3.55 15.02 19.62
N GLY A 89 2.66 16.00 19.67
CA GLY A 89 1.41 15.93 20.40
C GLY A 89 0.28 15.80 19.39
N LEU A 90 0.00 14.56 19.02
CA LEU A 90 -1.09 14.25 18.11
C LEU A 90 -2.31 13.76 18.85
N GLN A 91 -2.37 14.05 20.16
CA GLN A 91 -3.50 13.59 20.96
C GLN A 91 -4.80 14.10 20.34
N GLY A 92 -5.74 13.19 20.12
CA GLY A 92 -6.98 13.52 19.48
C GLY A 92 -6.99 13.37 17.97
N LEU A 93 -5.82 13.28 17.33
CA LEU A 93 -5.77 13.11 15.88
C LEU A 93 -6.53 11.86 15.40
N PRO A 94 -6.31 10.66 15.96
CA PRO A 94 -7.11 9.50 15.51
C PRO A 94 -8.61 9.78 15.45
N GLN A 95 -9.18 10.35 16.51
CA GLN A 95 -10.62 10.57 16.50
C GLN A 95 -11.00 11.58 15.43
N ARG A 96 -10.19 12.63 15.25
CA ARG A 96 -10.54 13.65 14.26
C ARG A 96 -10.44 13.10 12.83
N TRP A 97 -9.43 12.27 12.57
CA TRP A 97 -9.32 11.60 11.27
C TRP A 97 -10.56 10.77 10.98
N ALA A 98 -10.99 9.96 11.96
CA ALA A 98 -12.23 9.19 11.79
C ALA A 98 -13.42 10.11 11.47
N ASP A 99 -13.53 11.24 12.16
CA ASP A 99 -14.67 12.11 11.89
C ASP A 99 -14.51 12.80 10.54
N ALA A 100 -13.31 13.29 10.23
CA ALA A 100 -13.08 13.89 8.93
C ALA A 100 -13.48 12.92 7.81
N SER A 101 -13.21 11.62 7.98
CA SER A 101 -13.51 10.59 6.97
C SER A 101 -15.01 10.42 6.72
N GLN A 102 -15.88 11.04 7.51
CA GLN A 102 -17.28 11.00 7.15
C GLN A 102 -17.62 11.93 6.00
N ASN A 103 -16.71 12.84 5.65
CA ASN A 103 -16.92 13.80 4.58
C ASN A 103 -16.42 13.20 3.27
N PRO A 104 -17.28 12.98 2.27
CA PRO A 104 -16.81 12.40 1.00
C PRO A 104 -15.66 13.16 0.37
N VAL A 105 -15.53 14.45 0.67
CA VAL A 105 -14.46 15.24 0.07
C VAL A 105 -13.11 14.85 0.67
N PHE A 106 -13.09 14.57 1.98
CA PHE A 106 -11.87 14.07 2.62
C PHE A 106 -11.48 12.71 2.08
N ARG A 107 -12.46 11.80 1.94
CA ARG A 107 -12.21 10.51 1.32
C ARG A 107 -11.67 10.69 -0.09
N GLN A 108 -12.20 11.67 -0.82
CA GLN A 108 -11.72 11.94 -2.18
C GLN A 108 -10.26 12.35 -2.18
N VAL A 109 -9.85 13.20 -1.22
CA VAL A 109 -8.44 13.58 -1.10
C VAL A 109 -7.58 12.33 -0.87
N GLN A 110 -8.04 11.42 -0.02
CA GLN A 110 -7.32 10.16 0.16
C GLN A 110 -7.19 9.39 -1.15
N ASP A 111 -8.25 9.39 -1.97
CA ASP A 111 -8.20 8.71 -3.27
C ASP A 111 -7.17 9.38 -4.17
N ASP A 112 -7.16 10.71 -4.19
CA ASP A 112 -6.23 11.42 -5.06
C ASP A 112 -4.79 11.15 -4.64
N VAL A 113 -4.52 11.20 -3.34
CA VAL A 113 -3.16 10.93 -2.87
C VAL A 113 -2.75 9.50 -3.19
N VAL A 114 -3.64 8.54 -2.92
CA VAL A 114 -3.35 7.15 -3.31
C VAL A 114 -2.98 7.08 -4.77
N ASP A 115 -3.80 7.72 -5.64
CA ASP A 115 -3.52 7.70 -7.07
C ASP A 115 -2.17 8.35 -7.38
N GLU A 116 -1.89 9.50 -6.76
CA GLU A 116 -0.64 10.21 -7.04
C GLU A 116 0.58 9.49 -6.47
N LEU A 117 0.50 9.01 -5.23
CA LEU A 117 1.71 8.43 -4.65
C LEU A 117 1.90 6.95 -5.01
N TYR A 118 0.82 6.18 -5.13
CA TYR A 118 0.96 4.73 -5.17
C TYR A 118 0.49 4.10 -6.47
N PHE A 119 -0.75 4.36 -6.90
CA PHE A 119 -1.27 3.64 -8.05
C PHE A 119 -0.55 4.05 -9.34
N GLN A 120 -0.48 5.35 -9.60
CA GLN A 120 0.13 5.77 -10.86
C GLN A 120 1.62 5.44 -10.87
N PRO A 121 2.40 5.73 -9.83
CA PRO A 121 3.80 5.27 -9.86
C PRO A 121 3.94 3.76 -10.02
N ALA A 122 3.07 2.96 -9.40
CA ALA A 122 3.20 1.51 -9.57
C ALA A 122 2.93 1.10 -11.01
N MET A 123 1.95 1.74 -11.65
CA MET A 123 1.66 1.45 -13.08
C MET A 123 2.79 1.95 -13.98
N GLU A 124 3.46 3.03 -13.61
CA GLU A 124 4.64 3.52 -14.38
C GLU A 124 5.76 2.50 -14.19
N ARG A 125 5.92 1.96 -12.98
CA ARG A 125 6.94 0.91 -12.84
C ARG A 125 6.60 -0.27 -13.73
N ALA A 126 5.34 -0.73 -13.70
CA ALA A 126 4.95 -1.87 -14.52
C ALA A 126 5.27 -1.62 -15.98
N ALA A 127 4.96 -0.41 -16.48
CA ALA A 127 5.20 -0.10 -17.89
C ALA A 127 6.69 -0.13 -18.21
N GLU A 128 7.53 0.43 -17.34
CA GLU A 128 8.98 0.35 -17.54
C GLU A 128 9.45 -1.09 -17.57
N LEU A 129 8.85 -1.96 -16.74
CA LEU A 129 9.21 -3.38 -16.74
C LEU A 129 8.68 -4.11 -17.97
N GLY A 130 7.72 -3.51 -18.68
CA GLY A 130 7.02 -4.27 -19.70
C GLY A 130 6.01 -5.24 -19.13
N ALA A 131 5.66 -5.12 -17.85
CA ALA A 131 4.74 -6.07 -17.23
C ALA A 131 3.34 -5.92 -17.80
N GLN A 132 2.69 -7.03 -18.13
CA GLN A 132 1.40 -6.96 -18.75
C GLN A 132 0.33 -7.82 -18.09
N MET A 133 0.68 -8.69 -17.17
CA MET A 133 -0.36 -9.47 -16.52
C MET A 133 -0.98 -8.65 -15.40
N PRO A 134 -2.31 -8.57 -15.32
CA PRO A 134 -2.95 -7.84 -14.21
C PRO A 134 -2.44 -8.23 -12.83
N LEU A 135 -2.12 -9.52 -12.62
CA LEU A 135 -1.62 -9.97 -11.32
C LEU A 135 -0.30 -9.29 -10.97
N THR A 136 0.60 -9.14 -11.94
CA THR A 136 1.84 -8.41 -11.71
C THR A 136 1.56 -6.95 -11.30
N LEU A 137 0.55 -6.31 -11.93
CA LEU A 137 0.21 -4.94 -11.57
C LEU A 137 -0.30 -4.88 -10.14
N LEU A 138 -1.14 -5.84 -9.76
CA LEU A 138 -1.65 -5.89 -8.40
C LEU A 138 -0.50 -6.06 -7.41
N ALA A 139 0.44 -6.97 -7.72
CA ALA A 139 1.56 -7.22 -6.84
C ALA A 139 2.42 -5.98 -6.69
N LEU A 140 2.65 -5.25 -7.79
CA LEU A 140 3.43 -4.02 -7.65
C LEU A 140 2.68 -2.97 -6.87
N TYR A 141 1.35 -2.93 -7.01
CA TYR A 141 0.57 -1.90 -6.35
C TYR A 141 0.48 -2.15 -4.85
N ASP A 142 0.24 -3.42 -4.48
CA ASP A 142 0.24 -3.78 -3.07
C ASP A 142 1.60 -3.54 -2.45
N ALA A 143 2.68 -3.88 -3.17
CA ALA A 143 4.02 -3.66 -2.62
C ALA A 143 4.32 -2.17 -2.47
N ILE A 144 3.90 -1.34 -3.42
CA ILE A 144 4.22 0.07 -3.27
C ILE A 144 3.51 0.64 -2.05
N ILE A 145 2.33 0.12 -1.71
CA ILE A 145 1.56 0.67 -0.61
C ILE A 145 2.23 0.35 0.73
N GLN A 146 2.70 -0.88 0.90
CA GLN A 146 3.29 -1.33 2.15
C GLN A 146 4.76 -0.92 2.26
N HIS A 147 5.51 -1.00 1.16
CA HIS A 147 6.95 -0.75 1.20
C HIS A 147 7.34 0.66 0.84
N GLY A 148 6.45 1.42 0.17
CA GLY A 148 6.76 2.77 -0.27
C GLY A 148 7.63 2.78 -1.50
N GLU A 149 7.84 3.97 -2.08
CA GLU A 149 8.68 4.14 -3.27
C GLU A 149 9.99 4.88 -2.95
N GLY A 150 10.46 4.78 -1.71
CA GLY A 150 11.73 5.39 -1.35
C GLY A 150 12.92 4.70 -2.02
N ASP A 151 14.10 5.05 -1.52
CA ASP A 151 15.35 4.54 -2.05
C ASP A 151 16.05 3.58 -1.10
N ASP A 152 15.38 3.20 -0.02
CA ASP A 152 15.86 2.22 0.98
C ASP A 152 15.84 0.79 0.41
N GLY A 153 16.62 -0.12 0.98
CA GLY A 153 16.68 -1.48 0.49
C GLY A 153 15.39 -2.26 0.64
N ASP A 154 14.44 -1.76 1.45
CA ASP A 154 13.12 -2.36 1.59
C ASP A 154 12.08 -1.78 0.64
N GLY A 155 12.38 -0.64 0.01
CA GLY A 155 11.42 -0.01 -0.86
C GLY A 155 11.16 -0.82 -2.13
N LEU A 156 10.00 -0.57 -2.74
CA LEU A 156 9.68 -1.16 -4.03
C LEU A 156 10.81 -1.03 -5.04
N PRO A 157 11.45 0.14 -5.24
CA PRO A 157 12.45 0.22 -6.32
C PRO A 157 13.63 -0.71 -6.12
N ALA A 158 14.06 -0.92 -4.87
CA ALA A 158 15.16 -1.83 -4.62
C ALA A 158 14.72 -3.28 -4.82
N MET A 159 13.48 -3.59 -4.49
CA MET A 159 12.97 -4.96 -4.65
C MET A 159 12.87 -5.29 -6.14
N ILE A 160 12.42 -4.35 -6.94
CA ILE A 160 12.37 -4.54 -8.38
C ILE A 160 13.77 -4.74 -8.93
N ALA A 161 14.72 -3.91 -8.48
CA ALA A 161 16.09 -4.02 -8.96
C ALA A 161 16.68 -5.38 -8.64
N ARG A 162 16.43 -5.88 -7.42
CA ARG A 162 16.95 -7.19 -7.06
C ARG A 162 16.22 -8.29 -7.82
N THR A 163 14.92 -8.13 -8.09
CA THR A 163 14.26 -9.13 -8.92
C THR A 163 14.92 -9.19 -10.29
N THR A 164 15.19 -8.03 -10.89
CA THR A 164 15.73 -8.01 -12.25
C THR A 164 17.16 -8.55 -12.29
N ALA A 165 17.96 -8.24 -11.27
CA ALA A 165 19.29 -8.84 -11.16
C ALA A 165 19.21 -10.36 -11.11
N LYS A 166 18.28 -10.91 -10.34
CA LYS A 166 18.22 -12.34 -10.11
C LYS A 166 17.84 -13.12 -11.36
N VAL A 167 16.87 -12.63 -12.14
CA VAL A 167 16.38 -13.36 -13.31
C VAL A 167 17.05 -12.90 -14.59
N ASN A 168 18.01 -11.97 -14.51
CA ASN A 168 18.76 -11.51 -15.66
C ASN A 168 17.88 -10.73 -16.66
N GLY A 169 16.99 -9.87 -16.13
CA GLY A 169 16.33 -8.91 -16.99
C GLY A 169 14.85 -8.73 -16.63
N ILE A 170 14.14 -8.04 -17.50
CA ILE A 170 12.76 -7.62 -17.28
C ILE A 170 11.90 -8.29 -18.34
N PRO A 171 10.57 -8.30 -18.13
CA PRO A 171 9.69 -8.95 -19.13
C PRO A 171 9.79 -8.34 -20.52
N ALA A 172 9.91 -7.02 -20.61
CA ALA A 172 10.07 -6.36 -21.90
C ALA A 172 11.34 -6.78 -22.61
N GLU A 173 12.29 -7.39 -21.89
CA GLU A 173 13.48 -7.94 -22.50
C GLU A 173 13.36 -9.43 -22.81
N GLY A 174 12.19 -10.01 -22.58
CA GLY A 174 11.97 -11.40 -22.91
C GLY A 174 12.04 -12.37 -21.74
N VAL A 175 12.41 -11.92 -20.54
CA VAL A 175 12.26 -12.79 -19.37
C VAL A 175 10.79 -13.08 -19.18
N ASP A 176 10.44 -14.37 -19.10
CA ASP A 176 9.05 -14.76 -18.88
C ASP A 176 8.49 -14.04 -17.66
N GLU A 177 7.34 -13.38 -17.84
CA GLU A 177 6.82 -12.49 -16.80
C GLU A 177 6.43 -13.26 -15.54
N ARG A 178 5.97 -14.51 -15.69
CA ARG A 178 5.62 -15.30 -14.52
C ARG A 178 6.86 -15.63 -13.70
N ARG A 179 7.99 -15.87 -14.35
CA ARG A 179 9.24 -16.11 -13.64
C ARG A 179 9.68 -14.85 -12.90
N TRP A 180 9.61 -13.70 -13.56
CA TRP A 180 9.97 -12.44 -12.91
C TRP A 180 9.07 -12.18 -11.71
N LEU A 181 7.77 -12.44 -11.87
CA LEU A 181 6.81 -12.20 -10.80
C LEU A 181 7.04 -13.14 -9.63
N LYS A 182 7.33 -14.41 -9.90
CA LYS A 182 7.55 -15.36 -8.81
C LYS A 182 8.77 -14.97 -7.98
N THR A 183 9.84 -14.55 -8.67
CA THR A 183 11.03 -14.06 -8.00
C THR A 183 10.72 -12.83 -7.15
N PHE A 184 9.91 -11.90 -7.71
CA PHE A 184 9.57 -10.69 -6.96
C PHE A 184 8.81 -11.04 -5.68
N LEU A 185 7.85 -11.96 -5.77
CA LEU A 185 7.08 -12.32 -4.59
C LEU A 185 7.97 -12.97 -3.52
N LYS A 186 8.93 -13.82 -3.94
CA LYS A 186 9.82 -14.46 -2.98
C LYS A 186 10.75 -13.45 -2.33
N ILE A 187 11.28 -12.52 -3.13
CA ILE A 187 12.09 -11.44 -2.60
C ILE A 187 11.27 -10.59 -1.63
N ARG A 188 10.01 -10.32 -1.98
CA ARG A 188 9.17 -9.49 -1.10
C ARG A 188 8.94 -10.19 0.23
N LYS A 189 8.64 -11.48 0.20
CA LYS A 189 8.43 -12.18 1.45
C LYS A 189 9.71 -12.17 2.31
N GLN A 190 10.88 -12.29 1.67
CA GLN A 190 12.13 -12.23 2.42
C GLN A 190 12.32 -10.88 3.08
N VAL A 191 11.94 -9.80 2.39
CA VAL A 191 12.08 -8.46 2.96
C VAL A 191 11.10 -8.27 4.11
N LEU A 192 9.86 -8.74 3.96
CA LEU A 192 8.90 -8.63 5.05
C LEU A 192 9.35 -9.41 6.29
N ARG A 193 9.97 -10.59 6.08
CA ARG A 193 10.48 -11.38 7.20
C ARG A 193 11.73 -10.77 7.80
N HIS A 194 12.56 -10.11 6.98
CA HIS A 194 13.88 -9.63 7.40
C HIS A 194 14.13 -8.24 6.90
N PRO A 195 13.37 -7.25 7.37
CA PRO A 195 13.55 -5.89 6.88
C PRO A 195 14.83 -5.27 7.42
N ALA A 196 15.45 -4.41 6.61
CA ALA A 196 16.57 -3.62 7.10
C ALA A 196 16.14 -2.64 8.19
N ASN A 197 14.89 -2.20 8.18
CA ASN A 197 14.37 -1.35 9.25
C ASN A 197 13.75 -2.25 10.32
N LEU A 198 14.49 -2.44 11.41
CA LEU A 198 14.07 -3.37 12.44
C LEU A 198 12.82 -2.93 13.18
N GLU A 199 12.52 -1.62 13.17
CA GLU A 199 11.29 -1.15 13.79
C GLU A 199 10.03 -1.70 13.15
N THR A 200 10.06 -2.03 11.85
CA THR A 200 8.86 -2.56 11.20
C THR A 200 8.84 -4.08 11.15
N GLU A 201 9.76 -4.74 11.86
CA GLU A 201 9.93 -6.19 11.69
C GLU A 201 8.71 -6.97 12.14
N ASP A 202 8.25 -6.72 13.37
CA ASP A 202 7.06 -7.40 13.87
C ASP A 202 5.86 -7.14 12.98
N GLU A 203 5.61 -5.87 12.65
CA GLU A 203 4.48 -5.51 11.78
C GLU A 203 4.57 -6.26 10.46
N TRP A 204 5.72 -6.17 9.80
CA TRP A 204 5.82 -6.73 8.45
C TRP A 204 5.87 -8.25 8.47
N SER A 205 6.61 -8.83 9.43
CA SER A 205 6.71 -10.28 9.50
C SER A 205 5.33 -10.94 9.60
N GLU A 206 4.42 -10.37 10.39
CA GLU A 206 3.08 -10.93 10.52
C GLU A 206 2.21 -10.67 9.29
N SER A 207 2.71 -9.98 8.27
CA SER A 207 1.88 -9.64 7.12
C SER A 207 2.21 -10.46 5.87
N THR A 208 3.00 -11.54 6.00
CA THR A 208 3.47 -12.25 4.83
C THR A 208 2.41 -13.11 4.16
N GLY A 209 1.30 -13.40 4.84
CA GLY A 209 0.22 -14.12 4.19
C GLY A 209 -0.28 -13.44 2.93
N ARG A 210 -0.13 -12.12 2.85
CA ARG A 210 -0.58 -11.42 1.65
C ARG A 210 0.30 -11.78 0.45
N VAL A 211 1.60 -11.96 0.65
CA VAL A 211 2.46 -12.42 -0.43
C VAL A 211 2.09 -13.84 -0.79
N ASP A 212 1.76 -14.66 0.22
CA ASP A 212 1.26 -16.00 -0.05
C ASP A 212 0.01 -15.96 -0.90
N SER A 213 -0.90 -15.01 -0.66
CA SER A 213 -2.12 -14.94 -1.46
C SER A 213 -1.81 -14.59 -2.92
N LEU A 214 -0.93 -13.63 -3.15
CA LEU A 214 -0.54 -13.33 -4.52
C LEU A 214 0.16 -14.52 -5.17
N MET A 215 0.99 -15.23 -4.41
CA MET A 215 1.64 -16.44 -4.94
C MET A 215 0.61 -17.51 -5.28
N LYS A 216 -0.42 -17.66 -4.44
CA LYS A 216 -1.47 -18.64 -4.71
C LYS A 216 -2.18 -18.33 -6.03
N LEU A 217 -2.56 -17.05 -6.24
CA LEU A 217 -3.16 -16.66 -7.51
C LEU A 217 -2.21 -16.95 -8.67
N LEU A 218 -0.92 -16.70 -8.48
CA LEU A 218 0.03 -16.98 -9.55
C LEU A 218 0.10 -18.48 -9.84
N LYS A 219 0.15 -19.30 -8.79
CA LYS A 219 0.26 -20.74 -9.01
C LYS A 219 -1.01 -21.36 -9.60
N GLN A 220 -2.17 -20.76 -9.34
CA GLN A 220 -3.40 -21.23 -9.94
C GLN A 220 -3.65 -20.66 -11.33
N GLY A 221 -2.70 -19.92 -11.88
CA GLY A 221 -2.86 -19.39 -13.21
C GLY A 221 -3.81 -18.23 -13.33
N ASN A 222 -4.24 -17.62 -12.23
CA ASN A 222 -5.10 -16.44 -12.31
C ASN A 222 -4.25 -15.17 -12.38
N THR A 223 -3.49 -15.06 -13.48
CA THR A 223 -2.64 -13.91 -13.75
C THR A 223 -3.41 -12.74 -14.36
N ASP A 224 -4.67 -12.94 -14.73
CA ASP A 224 -5.48 -11.94 -15.39
C ASP A 224 -6.56 -11.40 -14.46
N LEU A 225 -6.63 -11.91 -13.22
CA LEU A 225 -7.53 -11.38 -12.20
C LEU A 225 -8.97 -11.43 -12.67
N HIS A 226 -9.39 -12.60 -13.11
CA HIS A 226 -10.75 -12.88 -13.52
C HIS A 226 -11.57 -13.41 -12.35
N PRO A 227 -12.86 -13.08 -12.29
CA PRO A 227 -13.70 -13.54 -11.19
C PRO A 227 -14.08 -15.00 -11.39
N PRO A 228 -14.45 -15.70 -10.31
CA PRO A 228 -14.38 -15.16 -8.95
C PRO A 228 -12.98 -15.31 -8.37
N ILE A 229 -12.60 -14.39 -7.49
CA ILE A 229 -11.32 -14.45 -6.80
C ILE A 229 -11.58 -14.77 -5.33
N ARG A 230 -10.94 -15.83 -4.85
CA ARG A 230 -11.01 -16.23 -3.46
C ARG A 230 -9.78 -15.70 -2.73
N ILE A 231 -10.01 -14.88 -1.70
CA ILE A 231 -8.96 -14.42 -0.81
C ILE A 231 -9.31 -14.87 0.60
N SER A 232 -8.36 -15.53 1.28
CA SER A 232 -8.60 -15.96 2.67
C SER A 232 -7.36 -15.77 3.53
N THR A 233 -6.60 -14.71 3.26
CA THR A 233 -5.35 -14.37 3.92
C THR A 233 -5.37 -14.56 5.43
N TRP A 234 -6.46 -14.18 6.10
CA TRP A 234 -6.52 -14.17 7.55
C TRP A 234 -7.46 -15.24 8.10
N GLY A 235 -7.78 -16.26 7.30
CA GLY A 235 -8.71 -17.28 7.73
C GLY A 235 -10.09 -17.08 7.13
N ASP A 236 -10.60 -15.85 7.17
CA ASP A 236 -11.92 -15.55 6.60
C ASP A 236 -11.87 -15.65 5.08
N VAL A 237 -12.87 -16.30 4.50
CA VAL A 237 -12.92 -16.50 3.05
C VAL A 237 -13.76 -15.39 2.44
N PHE A 238 -13.18 -14.72 1.44
CA PHE A 238 -13.86 -13.66 0.69
C PHE A 238 -13.90 -14.06 -0.77
N ILE A 239 -15.05 -13.91 -1.40
CA ILE A 239 -15.19 -14.09 -2.83
C ILE A 239 -15.41 -12.71 -3.44
N LEU A 240 -14.53 -12.34 -4.38
CA LEU A 240 -14.51 -11.03 -4.98
C LEU A 240 -14.79 -11.13 -6.47
N PRO A 241 -15.42 -10.10 -7.06
CA PRO A 241 -15.84 -8.85 -6.39
C PRO A 241 -17.07 -9.04 -5.51
N ILE A 242 -17.19 -8.23 -4.45
CA ILE A 242 -18.37 -8.25 -3.61
C ILE A 242 -19.40 -7.32 -4.22
N ARG A 243 -20.65 -7.76 -4.24
CA ARG A 243 -21.74 -7.15 -4.99
C ARG A 243 -22.94 -6.83 -4.09
#